data_6UL4
#
_entry.id   6UL4
#
_cell.length_a   56.299
_cell.length_b   267.905
_cell.length_c   144.693
_cell.angle_alpha   90.0
_cell.angle_beta   90.0
_cell.angle_gamma   90.0
#
_symmetry.space_group_name_H-M   'C 2 2 21'
#
loop_
_entity.id
_entity.type
_entity.pdbx_description
1 polymer 'Botulinum neurotoxin type B'
2 polymer 'VHH JLO-G11'
#
loop_
_entity_poly.entity_id
_entity_poly.type
_entity_poly.pdbx_seq_one_letter_code
_entity_poly.pdbx_strand_id
1 'polypeptide(L)'
;GPLGSEILNNIILNLRYKDNNLIDLSGYGAKVEVYDGVELNDKNQFKLTSSANSKIRVTQNQNIIFNSVFLDFSVSFWIR
IPKYKNDGIQNYIHNEYTIINCMKNNSGWKISIRGNRIIWTLIDINGKTKSVFFEYNIREDISEYINRWFFVTITNNLNN
AKIYINGKLESNTDIKDIREVIANGEIIFKLDGDIDRTQFIWMKYFSIFNTELSQSNIEERYKIQSYSEYLKDFWGNPLM
YNKEYYMFNAGNKNSYIKLKKDSPVGEILTRSKYNQNSKYINYRDLYIGEKFIIRRKSNSQSINDDIVRKEDYIYLDFFN
LNQEWRVYTYKYFKKEEEKLFLAPISDSDEFYNTIQIKEYDEQPTYSCQLLFKKDEESTDEIGLIGIHRFYESGIVFEEY
KDYFCISKWYLKEVKRKPYNLKLGCNWQFIPKDEGWTE
;
A
2 'polypeptide(L)'
;MHHHHHHMASMTGGQQMGRGSQVQLAESGGGLVQPGGSLRLSCEASGFHLEHFAVGWFRQAPGKEREGVSCISASGDSTT
YADSVKGRSTISKDNAKNAVYLQMDSLRPEDTGDYYCAASHFSVCGKNIRKIEYRYWGQGTPVTVSSEPKTPKPQ
;
B
#
# COMPACT_ATOMS: atom_id res chain seq x y z
N LEU A 8 -29.74 3.17 -28.00
CA LEU A 8 -28.31 3.23 -28.21
C LEU A 8 -27.59 3.37 -26.87
N ASN A 9 -26.26 3.54 -26.93
CA ASN A 9 -25.48 3.90 -25.76
C ASN A 9 -25.54 5.42 -25.57
N ASN A 10 -26.19 6.08 -26.53
CA ASN A 10 -26.30 7.54 -26.58
C ASN A 10 -24.95 8.21 -26.55
N ILE A 11 -23.99 7.61 -27.27
CA ILE A 11 -22.63 8.09 -27.28
C ILE A 11 -22.27 8.70 -28.64
N ILE A 12 -21.69 9.90 -28.63
CA ILE A 12 -21.32 10.59 -29.88
C ILE A 12 -19.82 10.79 -30.02
N LEU A 13 -19.08 10.64 -28.92
CA LEU A 13 -17.62 10.60 -29.03
C LEU A 13 -17.02 9.57 -28.09
N ASN A 14 -16.04 8.83 -28.58
CA ASN A 14 -15.40 7.77 -27.81
C ASN A 14 -13.95 7.59 -28.22
N LEU A 15 -13.08 8.44 -27.70
CA LEU A 15 -11.67 8.28 -27.98
C LEU A 15 -11.21 7.00 -27.29
N ARG A 16 -10.47 6.18 -28.02
CA ARG A 16 -9.83 5.02 -27.45
C ARG A 16 -8.50 4.81 -28.14
N TYR A 17 -7.71 3.87 -27.63
CA TYR A 17 -6.38 3.62 -28.16
C TYR A 17 -6.40 2.58 -29.29
N LYS A 18 -5.59 2.81 -30.31
CA LYS A 18 -5.35 1.81 -31.36
C LYS A 18 -4.07 2.11 -32.14
N ASP A 19 -3.23 1.10 -32.32
CA ASP A 19 -1.97 1.19 -33.09
C ASP A 19 -1.16 2.47 -32.84
N ASN A 20 -0.82 2.72 -31.58
CA ASN A 20 -0.09 3.91 -31.18
C ASN A 20 -0.75 5.19 -31.68
N ASN A 21 -2.07 5.25 -31.49
CA ASN A 21 -2.87 6.39 -31.87
C ASN A 21 -4.15 6.47 -31.04
N LEU A 22 -4.81 7.62 -31.09
CA LEU A 22 -6.15 7.75 -30.50
C LEU A 22 -7.18 7.78 -31.63
N ILE A 23 -8.40 7.32 -31.36
CA ILE A 23 -9.38 7.17 -32.42
C ILE A 23 -10.82 7.25 -31.89
N ASP A 24 -11.68 7.89 -32.68
CA ASP A 24 -13.12 7.99 -32.37
C ASP A 24 -13.85 6.71 -32.76
N LEU A 25 -14.25 5.94 -31.76
CA LEU A 25 -14.95 4.68 -32.00
C LEU A 25 -16.43 4.76 -31.70
N SER A 26 -16.95 5.99 -31.61
CA SER A 26 -18.38 6.20 -31.38
C SER A 26 -19.24 5.58 -32.48
N GLY A 27 -18.68 5.47 -33.68
CA GLY A 27 -19.41 4.93 -34.81
C GLY A 27 -19.85 6.04 -35.75
N TYR A 28 -19.31 7.24 -35.52
CA TYR A 28 -19.67 8.40 -36.32
C TYR A 28 -18.45 8.91 -37.09
N GLY A 29 -17.29 8.37 -36.77
CA GLY A 29 -16.09 8.59 -37.56
C GLY A 29 -15.55 10.01 -37.59
N ALA A 30 -15.47 10.63 -36.42
CA ALA A 30 -14.80 11.92 -36.26
C ALA A 30 -13.33 11.80 -36.65
N LYS A 31 -12.72 12.91 -37.06
CA LYS A 31 -11.30 12.88 -37.44
C LYS A 31 -10.41 13.33 -36.29
N VAL A 32 -9.59 12.39 -35.79
CA VAL A 32 -8.74 12.62 -34.64
C VAL A 32 -7.28 12.86 -35.04
N GLU A 33 -6.71 13.95 -34.56
CA GLU A 33 -5.33 14.30 -34.86
C GLU A 33 -4.48 14.46 -33.59
N VAL A 34 -3.49 13.59 -33.43
CA VAL A 34 -2.63 13.57 -32.24
C VAL A 34 -1.19 14.01 -32.56
N TYR A 35 -0.78 15.15 -32.04
CA TYR A 35 0.55 15.68 -32.32
C TYR A 35 1.65 14.98 -31.52
N ASP A 36 2.90 15.26 -31.87
CA ASP A 36 4.04 14.49 -31.36
C ASP A 36 4.35 14.71 -29.88
N GLY A 37 3.65 15.65 -29.25
CA GLY A 37 3.94 15.99 -27.87
C GLY A 37 3.11 15.21 -26.87
N VAL A 38 2.13 14.48 -27.37
CA VAL A 38 1.23 13.69 -26.55
C VAL A 38 1.77 12.27 -26.38
N GLU A 39 1.91 11.82 -25.13
CA GLU A 39 2.41 10.47 -24.85
C GLU A 39 1.27 9.47 -24.70
N LEU A 40 1.40 8.30 -25.32
CA LEU A 40 0.35 7.28 -25.26
C LEU A 40 0.85 5.99 -24.61
N ASN A 41 -0.07 5.15 -24.14
CA ASN A 41 0.29 3.78 -23.75
C ASN A 41 -0.87 2.81 -23.99
N ASP A 42 -0.55 1.52 -24.09
CA ASP A 42 -1.53 0.50 -24.43
C ASP A 42 -2.62 0.36 -23.38
N LYS A 43 -2.40 0.93 -22.20
CA LYS A 43 -3.40 0.91 -21.13
C LYS A 43 -4.33 2.11 -21.24
N ASN A 44 -4.38 2.68 -22.45
CA ASN A 44 -5.36 3.69 -22.85
C ASN A 44 -5.22 5.07 -22.19
N GLN A 45 -4.05 5.34 -21.61
CA GLN A 45 -3.78 6.64 -20.99
C GLN A 45 -3.06 7.57 -21.97
N PHE A 46 -3.19 8.87 -21.76
CA PHE A 46 -2.40 9.83 -22.54
C PHE A 46 -2.09 11.11 -21.76
N LYS A 47 -0.93 11.67 -22.06
CA LYS A 47 -0.34 12.72 -21.23
C LYS A 47 -0.19 14.04 -21.97
N LEU A 48 -0.86 15.06 -21.44
CA LEU A 48 -0.74 16.41 -21.96
C LEU A 48 0.35 17.17 -21.22
N THR A 49 1.41 17.55 -21.94
CA THR A 49 2.51 18.28 -21.34
C THR A 49 2.46 19.78 -21.66
N SER A 50 3.48 20.50 -21.20
CA SER A 50 3.55 21.95 -21.34
C SER A 50 4.07 22.40 -22.70
N SER A 51 4.87 21.57 -23.35
CA SER A 51 5.44 21.89 -24.65
C SER A 51 4.33 22.16 -25.67
N ALA A 52 4.65 22.96 -26.68
CA ALA A 52 3.62 23.50 -27.57
C ALA A 52 2.93 22.44 -28.41
N ASN A 53 3.68 21.42 -28.82
CA ASN A 53 3.14 20.40 -29.71
C ASN A 53 2.49 19.24 -28.96
N SER A 54 2.06 19.50 -27.72
CA SER A 54 1.42 18.49 -26.91
C SER A 54 -0.09 18.71 -26.86
N LYS A 55 -0.72 18.57 -28.02
CA LYS A 55 -2.16 18.81 -28.13
C LYS A 55 -2.84 17.75 -28.99
N ILE A 56 -4.17 17.72 -28.90
CA ILE A 56 -4.99 16.79 -29.70
C ILE A 56 -6.18 17.52 -30.29
N ARG A 57 -6.24 17.61 -31.62
CA ARG A 57 -7.38 18.26 -32.26
C ARG A 57 -8.39 17.22 -32.72
N VAL A 58 -9.65 17.41 -32.36
CA VAL A 58 -10.72 16.54 -32.83
C VAL A 58 -11.70 17.32 -33.69
N THR A 59 -11.87 16.86 -34.92
CA THR A 59 -12.83 17.44 -35.84
C THR A 59 -14.06 16.53 -35.90
N GLN A 60 -15.13 16.93 -35.21
CA GLN A 60 -16.35 16.15 -35.15
C GLN A 60 -17.01 16.06 -36.52
N ASN A 61 -17.87 15.05 -36.70
CA ASN A 61 -18.46 14.85 -38.02
C ASN A 61 -19.60 15.83 -38.26
N GLN A 62 -19.36 16.74 -39.19
CA GLN A 62 -20.35 17.74 -39.54
C GLN A 62 -21.29 17.20 -40.62
N ASN A 63 -21.11 15.96 -41.04
CA ASN A 63 -21.90 15.46 -42.17
C ASN A 63 -22.93 14.38 -41.95
N ILE A 64 -23.28 14.11 -40.70
CA ILE A 64 -24.21 13.05 -40.44
C ILE A 64 -25.39 13.45 -39.56
N ILE A 65 -25.17 13.55 -38.26
CA ILE A 65 -26.25 13.82 -37.31
C ILE A 65 -26.55 15.31 -37.21
N PHE A 66 -27.40 15.70 -36.27
CA PHE A 66 -27.69 17.12 -36.09
C PHE A 66 -26.58 17.81 -35.29
N ASN A 67 -25.48 18.12 -35.97
CA ASN A 67 -24.34 18.77 -35.33
C ASN A 67 -24.53 20.28 -35.29
N SER A 68 -25.32 20.76 -34.34
CA SER A 68 -25.58 22.18 -34.19
C SER A 68 -25.65 22.57 -32.72
N VAL A 69 -26.48 21.86 -31.96
CA VAL A 69 -26.64 22.13 -30.53
C VAL A 69 -27.21 20.93 -29.76
N PHE A 70 -26.96 20.89 -28.46
CA PHE A 70 -27.51 19.89 -27.60
C PHE A 70 -28.04 20.55 -26.37
N LEU A 71 -29.24 20.16 -26.00
CA LEU A 71 -29.83 20.61 -24.76
C LEU A 71 -29.35 19.71 -23.63
N ASP A 72 -29.30 18.41 -23.92
CA ASP A 72 -28.80 17.42 -22.97
C ASP A 72 -27.51 16.79 -23.46
N PHE A 73 -26.48 16.79 -22.62
CA PHE A 73 -25.27 16.03 -22.92
C PHE A 73 -24.37 15.83 -21.70
N SER A 74 -23.58 14.75 -21.73
CA SER A 74 -22.67 14.44 -20.65
C SER A 74 -21.24 14.24 -21.14
N VAL A 75 -20.27 14.49 -20.28
CA VAL A 75 -18.87 14.25 -20.61
C VAL A 75 -18.19 13.42 -19.51
N SER A 76 -17.63 12.28 -19.87
CA SER A 76 -17.01 11.41 -18.87
C SER A 76 -15.56 11.06 -19.23
N PHE A 77 -14.72 10.94 -18.21
CA PHE A 77 -13.32 10.59 -18.41
C PHE A 77 -12.62 10.29 -17.07
N TRP A 78 -11.51 9.57 -17.15
CA TRP A 78 -10.66 9.36 -15.98
C TRP A 78 -9.49 10.32 -16.04
N ILE A 79 -9.06 10.81 -14.87
CA ILE A 79 -7.94 11.75 -14.83
C ILE A 79 -6.97 11.49 -13.68
N ARG A 80 -5.73 11.93 -13.90
CA ARG A 80 -4.69 11.91 -12.88
C ARG A 80 -3.88 13.21 -12.94
N ILE A 81 -3.99 13.99 -11.86
CA ILE A 81 -3.42 15.33 -11.75
C ILE A 81 -2.27 15.38 -10.74
N PRO A 82 -1.08 15.81 -11.19
CA PRO A 82 0.12 15.84 -10.34
C PRO A 82 0.01 16.76 -9.13
N LYS A 83 0.71 16.38 -8.08
CA LYS A 83 0.76 17.16 -6.84
C LYS A 83 1.50 18.47 -7.04
N TYR A 84 1.04 19.52 -6.36
CA TYR A 84 1.72 20.81 -6.32
C TYR A 84 3.22 20.67 -6.05
N LYS A 85 3.99 21.61 -6.59
CA LYS A 85 5.40 21.72 -6.20
C LYS A 85 5.44 22.41 -4.84
N ASN A 86 6.29 21.92 -3.95
CA ASN A 86 6.32 22.40 -2.58
C ASN A 86 6.78 23.84 -2.43
N ASP A 87 7.27 24.43 -3.52
CA ASP A 87 7.72 25.81 -3.50
C ASP A 87 6.87 26.68 -4.41
N GLY A 88 6.48 26.13 -5.56
CA GLY A 88 5.64 26.85 -6.50
C GLY A 88 4.17 26.73 -6.15
N ILE A 89 3.87 26.88 -4.86
CA ILE A 89 2.50 26.77 -4.38
C ILE A 89 1.65 27.97 -4.78
N GLN A 90 2.25 29.15 -4.73
N GLN A 90 2.26 29.15 -4.73
CA GLN A 90 1.54 30.38 -5.08
CA GLN A 90 1.56 30.38 -5.09
C GLN A 90 1.06 30.30 -6.53
C GLN A 90 1.06 30.30 -6.53
N ASN A 91 1.95 29.88 -7.42
CA ASN A 91 1.61 29.68 -8.83
C ASN A 91 0.52 28.62 -8.96
N TYR A 92 0.64 27.57 -8.15
CA TYR A 92 -0.32 26.46 -8.15
C TYR A 92 -1.73 26.95 -7.85
N ILE A 93 -1.87 27.84 -6.86
CA ILE A 93 -3.20 28.33 -6.49
C ILE A 93 -3.71 29.43 -7.41
N HIS A 94 -2.82 30.35 -7.80
CA HIS A 94 -3.25 31.51 -8.58
C HIS A 94 -3.68 31.15 -10.00
N ASN A 95 -2.79 30.47 -10.72
CA ASN A 95 -2.99 30.23 -12.14
C ASN A 95 -4.02 29.17 -12.46
N GLU A 96 -4.97 29.53 -13.32
CA GLU A 96 -5.94 28.60 -13.87
C GLU A 96 -5.49 28.25 -15.28
N TYR A 97 -5.79 27.04 -15.75
CA TYR A 97 -5.44 26.67 -17.12
C TYR A 97 -6.44 25.70 -17.74
N THR A 98 -6.71 25.89 -19.02
CA THR A 98 -7.67 25.05 -19.74
C THR A 98 -7.00 23.78 -20.23
N ILE A 99 -7.71 22.65 -20.17
CA ILE A 99 -7.18 21.37 -20.63
C ILE A 99 -7.95 20.84 -21.83
N ILE A 100 -9.26 21.06 -21.85
CA ILE A 100 -10.08 20.68 -23.01
C ILE A 100 -11.02 21.82 -23.38
N ASN A 101 -10.95 22.24 -24.64
CA ASN A 101 -11.72 23.39 -25.10
C ASN A 101 -12.55 23.10 -26.35
N CYS A 102 -13.85 23.36 -26.28
CA CYS A 102 -14.72 23.13 -27.42
C CYS A 102 -15.54 24.37 -27.77
N MET A 103 -14.96 25.25 -28.57
CA MET A 103 -15.62 26.52 -28.90
C MET A 103 -15.84 26.71 -30.40
N LYS A 104 -16.95 27.36 -30.73
CA LYS A 104 -17.19 27.88 -32.06
C LYS A 104 -17.97 29.17 -31.93
N ASN A 105 -17.50 30.23 -32.59
CA ASN A 105 -18.13 31.55 -32.51
C ASN A 105 -18.27 32.03 -31.07
N ASN A 106 -17.23 31.82 -30.27
CA ASN A 106 -17.19 32.30 -28.89
C ASN A 106 -18.30 31.72 -28.01
N SER A 107 -18.65 30.46 -28.26
CA SER A 107 -19.63 29.77 -27.43
C SER A 107 -19.31 28.28 -27.35
N GLY A 108 -19.66 27.66 -26.24
CA GLY A 108 -19.38 26.25 -26.01
C GLY A 108 -18.92 25.98 -24.59
N TRP A 109 -18.33 24.81 -24.38
CA TRP A 109 -17.86 24.41 -23.06
C TRP A 109 -16.34 24.34 -22.98
N LYS A 110 -15.82 24.44 -21.76
CA LYS A 110 -14.39 24.19 -21.53
C LYS A 110 -14.13 23.66 -20.12
N ILE A 111 -13.11 22.81 -20.01
CA ILE A 111 -12.71 22.25 -18.73
C ILE A 111 -11.35 22.79 -18.32
N SER A 112 -11.28 23.31 -17.10
CA SER A 112 -10.07 23.98 -16.62
C SER A 112 -9.62 23.42 -15.28
N ILE A 113 -8.42 23.78 -14.87
CA ILE A 113 -7.88 23.38 -13.57
C ILE A 113 -7.21 24.58 -12.92
N ARG A 114 -7.63 24.89 -11.70
CA ARG A 114 -6.95 25.87 -10.86
C ARG A 114 -6.53 25.18 -9.57
N GLY A 115 -5.24 24.83 -9.49
CA GLY A 115 -4.71 24.13 -8.35
C GLY A 115 -5.42 22.83 -8.02
N ASN A 116 -6.07 22.80 -6.87
CA ASN A 116 -6.79 21.62 -6.41
C ASN A 116 -8.26 21.65 -6.80
N ARG A 117 -8.58 22.42 -7.83
CA ARG A 117 -9.97 22.58 -8.24
C ARG A 117 -10.12 22.34 -9.74
N ILE A 118 -11.10 21.52 -10.11
CA ILE A 118 -11.35 21.24 -11.52
C ILE A 118 -12.71 21.83 -11.93
N ILE A 119 -12.73 22.46 -13.11
CA ILE A 119 -13.80 23.38 -13.48
C ILE A 119 -14.47 23.06 -14.81
N TRP A 120 -15.80 23.05 -14.79
CA TRP A 120 -16.62 22.89 -15.99
C TRP A 120 -17.33 24.20 -16.27
N THR A 121 -17.03 24.80 -17.41
CA THR A 121 -17.56 26.12 -17.73
C THR A 121 -18.36 26.11 -19.04
N LEU A 122 -19.51 26.80 -19.01
CA LEU A 122 -20.37 26.92 -20.18
C LEU A 122 -20.51 28.38 -20.60
N ILE A 123 -20.52 28.60 -21.91
CA ILE A 123 -20.73 29.92 -22.49
C ILE A 123 -21.75 29.87 -23.62
N ASP A 124 -22.82 30.65 -23.51
CA ASP A 124 -23.80 30.71 -24.59
C ASP A 124 -23.37 31.73 -25.64
N ILE A 125 -24.20 31.90 -26.67
CA ILE A 125 -23.88 32.78 -27.79
C ILE A 125 -23.97 34.26 -27.40
N ASN A 126 -24.63 34.52 -26.27
CA ASN A 126 -24.80 35.89 -25.79
C ASN A 126 -23.59 36.37 -24.98
N GLY A 127 -22.67 35.44 -24.71
CA GLY A 127 -21.47 35.76 -23.96
C GLY A 127 -21.61 35.41 -22.49
N LYS A 128 -22.83 35.12 -22.07
CA LYS A 128 -23.12 34.74 -20.68
C LYS A 128 -22.39 33.46 -20.29
N THR A 129 -21.88 33.43 -19.06
CA THR A 129 -21.05 32.31 -18.61
C THR A 129 -21.54 31.72 -17.29
N LYS A 130 -21.31 30.42 -17.10
CA LYS A 130 -21.67 29.75 -15.85
C LYS A 130 -20.71 28.60 -15.55
N SER A 131 -20.36 28.41 -14.28
CA SER A 131 -19.40 27.36 -13.93
C SER A 131 -19.90 26.42 -12.85
N VAL A 132 -19.31 25.23 -12.81
CA VAL A 132 -19.50 24.27 -11.72
C VAL A 132 -18.17 23.58 -11.51
N PHE A 133 -17.80 23.26 -10.28
CA PHE A 133 -16.48 22.69 -10.07
C PHE A 133 -16.40 21.63 -8.97
N PHE A 134 -15.22 21.04 -8.82
CA PHE A 134 -14.94 20.09 -7.76
C PHE A 134 -13.60 20.42 -7.12
N GLU A 135 -13.59 20.52 -5.79
CA GLU A 135 -12.35 20.82 -5.07
C GLU A 135 -12.01 19.70 -4.08
N TYR A 136 -10.75 19.28 -4.09
CA TYR A 136 -10.28 18.28 -3.14
C TYR A 136 -9.31 18.87 -2.14
N ASN A 137 -9.50 18.53 -0.87
CA ASN A 137 -8.70 19.03 0.23
C ASN A 137 -7.21 18.82 0.01
N ILE A 138 -6.41 19.86 0.22
CA ILE A 138 -4.96 19.75 0.13
C ILE A 138 -4.30 19.74 1.51
N ARG A 139 -5.05 19.32 2.53
CA ARG A 139 -4.54 19.24 3.89
C ARG A 139 -4.68 17.86 4.49
N GLU A 140 -5.30 16.94 3.74
CA GLU A 140 -5.46 15.55 4.18
C GLU A 140 -4.10 14.92 4.47
N ASP A 141 -4.04 14.07 5.50
CA ASP A 141 -2.82 13.34 5.78
C ASP A 141 -2.60 12.30 4.67
N ILE A 142 -3.70 11.80 4.13
CA ILE A 142 -3.67 10.92 2.97
C ILE A 142 -4.81 11.31 2.01
N SER A 143 -4.45 11.94 0.89
CA SER A 143 -5.45 12.37 -0.08
C SER A 143 -5.75 11.26 -1.08
N GLU A 144 -7.04 11.08 -1.35
CA GLU A 144 -7.48 9.99 -2.19
C GLU A 144 -7.73 10.45 -3.62
N TYR A 145 -7.34 11.68 -3.92
CA TYR A 145 -7.52 12.25 -5.25
C TYR A 145 -6.22 12.77 -5.86
N ILE A 146 -5.33 13.25 -5.01
CA ILE A 146 -4.08 13.85 -5.48
C ILE A 146 -3.18 12.81 -6.16
N ASN A 147 -2.86 13.07 -7.42
CA ASN A 147 -1.95 12.23 -8.20
C ASN A 147 -2.46 10.80 -8.39
N ARG A 148 -3.72 10.56 -8.05
CA ARG A 148 -4.33 9.25 -8.21
C ARG A 148 -5.46 9.32 -9.22
N TRP A 149 -5.64 8.25 -9.99
CA TRP A 149 -6.71 8.21 -10.98
C TRP A 149 -8.09 8.29 -10.34
N PHE A 150 -8.91 9.25 -10.77
CA PHE A 150 -10.32 9.20 -10.38
C PHE A 150 -11.23 9.49 -11.58
N PHE A 151 -12.52 9.29 -11.36
CA PHE A 151 -13.48 9.25 -12.46
C PHE A 151 -14.45 10.43 -12.47
N VAL A 152 -14.29 11.31 -13.45
CA VAL A 152 -15.12 12.50 -13.58
C VAL A 152 -16.24 12.29 -14.59
N THR A 153 -17.45 12.70 -14.21
CA THR A 153 -18.58 12.72 -15.14
C THR A 153 -19.35 14.02 -14.96
N ILE A 154 -19.73 14.64 -16.07
CA ILE A 154 -20.41 15.93 -16.03
C ILE A 154 -21.70 15.89 -16.83
N THR A 155 -22.84 16.04 -16.15
CA THR A 155 -24.12 15.95 -16.85
C THR A 155 -24.82 17.30 -16.98
N ASN A 156 -25.29 17.60 -18.19
CA ASN A 156 -25.93 18.86 -18.48
C ASN A 156 -27.30 18.69 -19.12
N ASN A 157 -28.29 19.39 -18.58
CA ASN A 157 -29.57 19.57 -19.26
C ASN A 157 -29.74 21.06 -19.57
N LEU A 158 -30.93 21.61 -19.28
CA LEU A 158 -31.13 23.04 -19.46
C LEU A 158 -31.52 23.68 -18.13
N ASN A 159 -31.34 22.91 -17.05
CA ASN A 159 -31.60 23.40 -15.70
C ASN A 159 -30.35 23.31 -14.83
N ASN A 160 -29.71 22.15 -14.81
CA ASN A 160 -28.59 21.92 -13.90
C ASN A 160 -27.34 21.29 -14.54
N ALA A 161 -26.19 21.86 -14.23
CA ALA A 161 -24.90 21.28 -14.55
C ALA A 161 -24.36 20.54 -13.32
N LYS A 162 -24.21 19.22 -13.45
CA LYS A 162 -23.79 18.39 -12.33
C LYS A 162 -22.41 17.78 -12.55
N ILE A 163 -21.64 17.65 -11.45
CA ILE A 163 -20.36 16.96 -11.48
C ILE A 163 -20.34 15.80 -10.50
N TYR A 164 -20.15 14.60 -11.04
CA TYR A 164 -20.03 13.37 -10.27
C TYR A 164 -18.58 12.90 -10.26
N ILE A 165 -18.07 12.57 -9.09
CA ILE A 165 -16.73 12.02 -8.96
C ILE A 165 -16.81 10.61 -8.38
N ASN A 166 -16.31 9.64 -9.14
CA ASN A 166 -16.36 8.23 -8.76
C ASN A 166 -17.77 7.72 -8.49
N GLY A 167 -18.74 8.23 -9.25
CA GLY A 167 -20.10 7.74 -9.18
C GLY A 167 -21.01 8.53 -8.26
N LYS A 168 -20.40 9.26 -7.34
CA LYS A 168 -21.16 10.08 -6.40
C LYS A 168 -21.28 11.52 -6.92
N LEU A 169 -22.49 12.08 -6.87
CA LEU A 169 -22.69 13.48 -7.20
C LEU A 169 -21.90 14.36 -6.24
N GLU A 170 -21.14 15.32 -6.78
CA GLU A 170 -20.29 16.15 -5.94
C GLU A 170 -20.59 17.64 -6.09
N SER A 171 -21.13 18.03 -7.24
CA SER A 171 -21.45 19.44 -7.43
C SER A 171 -22.68 19.67 -8.31
N ASN A 172 -23.33 20.81 -8.10
CA ASN A 172 -24.53 21.18 -8.84
C ASN A 172 -24.59 22.69 -9.10
N THR A 173 -25.06 23.07 -10.28
CA THR A 173 -25.15 24.49 -10.62
C THR A 173 -26.39 24.77 -11.47
N ASP A 174 -27.08 25.86 -11.16
CA ASP A 174 -28.25 26.25 -11.93
C ASP A 174 -27.85 26.91 -13.25
N ILE A 175 -28.41 26.44 -14.35
CA ILE A 175 -28.09 27.01 -15.66
C ILE A 175 -29.35 27.33 -16.46
N LYS A 176 -30.33 27.90 -15.79
CA LYS A 176 -31.56 28.35 -16.44
C LYS A 176 -31.31 29.63 -17.24
N ASP A 177 -30.47 30.50 -16.68
CA ASP A 177 -30.09 31.73 -17.35
C ASP A 177 -29.25 31.42 -18.58
N ILE A 178 -28.65 30.24 -18.60
CA ILE A 178 -27.85 29.78 -19.73
C ILE A 178 -28.75 29.33 -20.88
N ARG A 179 -28.44 29.82 -22.08
CA ARG A 179 -29.29 29.61 -23.23
C ARG A 179 -28.66 28.67 -24.26
N GLU A 180 -28.53 29.14 -25.50
CA GLU A 180 -28.01 28.32 -26.58
C GLU A 180 -26.50 28.13 -26.51
N VAL A 181 -26.07 26.88 -26.41
CA VAL A 181 -24.64 26.56 -26.38
C VAL A 181 -24.21 25.87 -27.68
N ILE A 182 -23.11 26.34 -28.27
CA ILE A 182 -22.61 25.79 -29.52
C ILE A 182 -21.67 24.61 -29.29
N ALA A 183 -22.06 23.44 -29.78
CA ALA A 183 -21.37 22.21 -29.46
C ALA A 183 -20.42 21.73 -30.55
N ASN A 184 -20.73 22.04 -31.80
CA ASN A 184 -20.04 21.41 -32.94
C ASN A 184 -18.68 22.03 -33.30
N GLY A 185 -18.04 22.70 -32.35
CA GLY A 185 -16.72 23.27 -32.61
C GLY A 185 -15.65 22.21 -32.55
N GLU A 186 -14.45 22.54 -33.02
CA GLU A 186 -13.31 21.66 -32.85
C GLU A 186 -13.07 21.42 -31.37
N ILE A 187 -12.71 20.19 -31.01
CA ILE A 187 -12.39 19.88 -29.62
C ILE A 187 -10.88 19.81 -29.42
N ILE A 188 -10.33 20.71 -28.61
CA ILE A 188 -8.88 20.81 -28.47
C ILE A 188 -8.40 20.42 -27.08
N PHE A 189 -7.66 19.33 -27.04
CA PHE A 189 -7.04 18.84 -25.82
C PHE A 189 -5.63 19.43 -25.71
N LYS A 190 -5.49 20.51 -24.95
CA LYS A 190 -4.19 21.15 -24.80
C LYS A 190 -4.10 21.93 -23.51
N LEU A 191 -2.96 21.86 -22.84
CA LEU A 191 -2.74 22.68 -21.66
C LEU A 191 -2.60 24.13 -22.07
N ASP A 192 -3.55 24.97 -21.65
CA ASP A 192 -3.62 26.33 -22.17
C ASP A 192 -3.83 27.40 -21.10
N GLY A 193 -2.73 28.03 -20.68
CA GLY A 193 -2.78 29.06 -19.67
C GLY A 193 -1.39 29.46 -19.22
N ASP A 194 -1.31 30.03 -18.02
CA ASP A 194 -0.03 30.41 -17.43
C ASP A 194 0.51 29.24 -16.61
N ILE A 195 1.06 28.24 -17.29
CA ILE A 195 1.51 27.01 -16.64
C ILE A 195 3.02 27.01 -16.43
N ASP A 196 3.50 26.14 -15.55
CA ASP A 196 4.94 25.99 -15.36
C ASP A 196 5.49 24.98 -16.37
N ARG A 197 6.80 24.96 -16.54
CA ARG A 197 7.44 24.07 -17.52
C ARG A 197 7.18 22.60 -17.21
N THR A 198 7.06 22.31 -15.92
CA THR A 198 6.89 20.94 -15.42
C THR A 198 5.42 20.60 -15.17
N GLN A 199 4.54 21.17 -15.99
CA GLN A 199 3.11 20.96 -15.82
C GLN A 199 2.61 19.90 -16.80
N PHE A 200 1.77 19.00 -16.32
CA PHE A 200 1.19 17.97 -17.18
C PHE A 200 -0.08 17.37 -16.60
N ILE A 201 -0.74 16.53 -17.39
CA ILE A 201 -2.03 15.94 -17.02
C ILE A 201 -2.18 14.55 -17.64
N TRP A 202 -2.64 13.58 -16.87
CA TRP A 202 -2.95 12.28 -17.44
C TRP A 202 -4.45 12.08 -17.61
N MET A 203 -4.87 11.59 -18.78
CA MET A 203 -6.29 11.32 -19.01
C MET A 203 -6.54 9.95 -19.59
N LYS A 204 -7.70 9.37 -19.28
CA LYS A 204 -8.10 8.08 -19.86
C LYS A 204 -9.59 7.99 -20.23
N TYR A 205 -9.90 7.17 -21.22
CA TYR A 205 -11.29 6.86 -21.61
C TYR A 205 -12.21 8.06 -21.77
N PHE A 206 -11.85 8.98 -22.67
CA PHE A 206 -12.68 10.16 -22.89
C PHE A 206 -13.92 9.83 -23.72
N SER A 207 -15.08 10.29 -23.27
CA SER A 207 -16.33 9.97 -23.95
C SER A 207 -17.37 11.08 -23.80
N ILE A 208 -18.00 11.45 -24.92
CA ILE A 208 -19.08 12.43 -24.92
C ILE A 208 -20.40 11.80 -25.31
N PHE A 209 -21.39 11.97 -24.44
CA PHE A 209 -22.73 11.41 -24.59
C PHE A 209 -23.74 12.51 -24.91
N ASN A 210 -24.76 12.19 -25.70
CA ASN A 210 -25.82 13.16 -26.00
C ASN A 210 -27.07 12.89 -25.16
N THR A 211 -26.87 12.77 -23.85
CA THR A 211 -27.95 12.54 -22.91
C THR A 211 -27.50 12.93 -21.51
N GLU A 212 -28.45 13.24 -20.64
CA GLU A 212 -28.11 13.44 -19.24
C GLU A 212 -28.10 12.09 -18.54
N LEU A 213 -26.90 11.56 -18.32
CA LEU A 213 -26.75 10.26 -17.66
C LEU A 213 -27.30 10.31 -16.24
N SER A 214 -28.04 9.28 -15.87
CA SER A 214 -28.54 9.14 -14.51
C SER A 214 -27.41 8.68 -13.59
N GLN A 215 -27.56 8.91 -12.29
N GLN A 215 -27.56 8.90 -12.29
CA GLN A 215 -26.57 8.51 -11.30
CA GLN A 215 -26.53 8.51 -11.33
C GLN A 215 -26.31 7.01 -11.35
C GLN A 215 -26.31 7.00 -11.34
N SER A 216 -27.37 6.26 -11.68
CA SER A 216 -27.28 4.81 -11.83
C SER A 216 -26.36 4.45 -13.00
N ASN A 217 -26.63 5.05 -14.16
CA ASN A 217 -25.85 4.83 -15.38
C ASN A 217 -24.38 5.23 -15.18
N ILE A 218 -24.17 6.35 -14.49
CA ILE A 218 -22.83 6.84 -14.20
C ILE A 218 -22.07 5.89 -13.27
N GLU A 219 -22.72 5.47 -12.18
CA GLU A 219 -22.08 4.56 -11.24
C GLU A 219 -21.76 3.22 -11.89
N GLU A 220 -22.66 2.75 -12.76
CA GLU A 220 -22.41 1.50 -13.47
C GLU A 220 -21.23 1.65 -14.42
N ARG A 221 -21.17 2.76 -15.14
CA ARG A 221 -20.05 3.02 -16.06
C ARG A 221 -18.74 3.05 -15.28
N TYR A 222 -18.77 3.71 -14.11
CA TYR A 222 -17.61 3.77 -13.22
C TYR A 222 -17.14 2.38 -12.79
N LYS A 223 -18.08 1.55 -12.31
CA LYS A 223 -17.74 0.18 -11.91
C LYS A 223 -17.15 -0.62 -13.06
N ILE A 224 -17.75 -0.50 -14.25
CA ILE A 224 -17.29 -1.25 -15.42
C ILE A 224 -15.88 -0.83 -15.88
N GLN A 225 -15.68 0.46 -16.08
CA GLN A 225 -14.38 0.93 -16.54
C GLN A 225 -13.31 0.77 -15.46
N SER A 226 -13.73 0.70 -14.20
CA SER A 226 -12.78 0.51 -13.10
C SER A 226 -12.28 -0.93 -13.02
N TYR A 227 -13.05 -1.88 -13.55
CA TYR A 227 -12.72 -3.29 -13.44
C TYR A 227 -11.48 -3.69 -14.22
N SER A 228 -10.69 -4.59 -13.62
CA SER A 228 -9.51 -5.18 -14.27
C SER A 228 -9.21 -6.55 -13.66
N GLU A 229 -8.60 -7.44 -14.44
CA GLU A 229 -8.25 -8.77 -13.94
C GLU A 229 -7.00 -8.66 -13.07
N TYR A 230 -6.24 -7.59 -13.28
CA TYR A 230 -5.00 -7.36 -12.56
C TYR A 230 -5.22 -6.45 -11.35
N LEU A 231 -4.19 -6.29 -10.55
CA LEU A 231 -4.29 -5.43 -9.36
C LEU A 231 -3.66 -4.07 -9.64
N LYS A 232 -3.91 -3.13 -8.74
CA LYS A 232 -3.46 -1.77 -8.94
C LYS A 232 -2.65 -1.28 -7.75
N ASP A 233 -1.74 -0.34 -8.00
CA ASP A 233 -0.96 0.26 -6.94
C ASP A 233 -1.64 1.51 -6.40
N PHE A 234 -0.90 2.25 -5.59
CA PHE A 234 -1.44 3.38 -4.86
C PHE A 234 -2.08 4.42 -5.77
N TRP A 235 -1.51 4.59 -6.96
CA TRP A 235 -1.96 5.65 -7.86
C TRP A 235 -3.11 5.20 -8.78
N GLY A 236 -3.16 3.91 -9.09
CA GLY A 236 -4.22 3.38 -9.93
C GLY A 236 -3.71 2.59 -11.11
N ASN A 237 -2.41 2.73 -11.38
CA ASN A 237 -1.77 2.00 -12.46
C ASN A 237 -1.62 0.53 -12.10
N PRO A 238 -1.41 -0.34 -13.10
CA PRO A 238 -1.22 -1.77 -12.83
C PRO A 238 -0.12 -2.06 -11.80
N LEU A 239 -0.29 -3.13 -11.04
CA LEU A 239 0.68 -3.54 -10.04
C LEU A 239 1.69 -4.48 -10.68
N MET A 240 2.96 -4.13 -10.58
CA MET A 240 4.00 -4.83 -11.33
C MET A 240 4.91 -5.72 -10.51
N TYR A 241 5.23 -6.89 -11.05
CA TYR A 241 6.32 -7.70 -10.52
C TYR A 241 7.64 -6.97 -10.77
N ASN A 242 8.64 -7.29 -9.95
CA ASN A 242 10.01 -6.79 -10.15
C ASN A 242 10.14 -5.27 -10.09
N LYS A 243 9.14 -4.61 -9.51
CA LYS A 243 9.16 -3.16 -9.34
C LYS A 243 9.30 -2.83 -7.85
N GLU A 244 9.96 -1.71 -7.57
CA GLU A 244 10.25 -1.28 -6.21
C GLU A 244 9.07 -0.49 -5.61
N TYR A 245 8.65 -0.86 -4.39
CA TYR A 245 7.48 -0.27 -3.77
C TYR A 245 7.66 0.06 -2.28
N TYR A 246 6.98 1.12 -1.83
CA TYR A 246 6.77 1.36 -0.40
C TYR A 246 5.43 0.77 -0.05
N MET A 247 5.13 0.60 1.23
CA MET A 247 3.84 0.02 1.60
C MET A 247 2.98 0.96 2.42
N PHE A 248 1.67 0.80 2.23
CA PHE A 248 0.66 1.67 2.81
C PHE A 248 -0.45 0.82 3.42
N ASN A 249 -0.80 1.08 4.67
CA ASN A 249 -1.90 0.34 5.30
C ASN A 249 -3.17 1.15 5.30
N ALA A 250 -4.22 0.61 4.69
CA ALA A 250 -5.48 1.34 4.55
C ALA A 250 -6.14 1.62 5.91
N GLY A 251 -5.84 0.77 6.88
CA GLY A 251 -6.40 0.90 8.22
C GLY A 251 -5.57 1.79 9.13
N ASN A 252 -4.28 1.90 8.83
CA ASN A 252 -3.39 2.79 9.56
C ASN A 252 -2.72 3.75 8.59
N LYS A 253 -3.47 4.74 8.11
CA LYS A 253 -3.03 5.65 7.08
C LYS A 253 -1.69 6.33 7.38
N ASN A 254 -1.46 6.67 8.64
CA ASN A 254 -0.29 7.45 9.01
C ASN A 254 0.89 6.60 9.48
N SER A 255 0.84 5.30 9.22
CA SER A 255 1.87 4.38 9.70
C SER A 255 2.70 3.77 8.55
N TYR A 256 3.90 3.30 8.88
CA TYR A 256 4.78 2.65 7.91
C TYR A 256 5.69 1.60 8.56
N ILE A 257 6.14 0.63 7.76
CA ILE A 257 6.99 -0.46 8.25
C ILE A 257 8.48 -0.11 8.24
N LYS A 258 9.18 -0.44 9.32
CA LYS A 258 10.64 -0.36 9.33
C LYS A 258 11.26 -1.53 10.08
N LEU A 259 12.32 -2.11 9.52
CA LEU A 259 13.03 -3.20 10.17
C LEU A 259 13.66 -2.74 11.47
N LYS A 260 13.22 -3.32 12.58
CA LYS A 260 13.71 -2.94 13.91
C LYS A 260 15.20 -3.24 14.04
N LYS A 261 15.94 -2.33 14.67
CA LYS A 261 17.39 -2.44 14.72
C LYS A 261 17.83 -3.71 15.42
N ASP A 262 18.77 -4.41 14.80
CA ASP A 262 19.29 -5.69 15.32
C ASP A 262 18.16 -6.69 15.55
N SER A 263 17.24 -6.77 14.59
CA SER A 263 16.03 -7.55 14.76
C SER A 263 15.50 -8.08 13.44
N PRO A 264 14.77 -9.21 13.49
CA PRO A 264 14.14 -9.81 12.31
C PRO A 264 12.65 -9.51 12.17
N VAL A 265 12.17 -8.46 12.84
CA VAL A 265 10.74 -8.15 12.82
C VAL A 265 10.45 -6.76 12.24
N GLY A 266 9.17 -6.47 12.03
CA GLY A 266 8.76 -5.21 11.45
C GLY A 266 8.09 -4.26 12.43
N GLU A 267 8.77 -3.16 12.72
CA GLU A 267 8.20 -2.08 13.52
C GLU A 267 7.24 -1.25 12.71
N ILE A 268 6.28 -0.64 13.40
CA ILE A 268 5.34 0.27 12.76
C ILE A 268 5.50 1.69 13.31
N LEU A 269 6.05 2.58 12.50
CA LEU A 269 6.29 3.96 12.93
C LEU A 269 5.32 4.94 12.26
N THR A 270 5.41 6.22 12.66
CA THR A 270 4.49 7.24 12.18
C THR A 270 5.09 8.09 11.05
N ARG A 271 4.31 8.30 9.99
CA ARG A 271 4.77 9.03 8.82
C ARG A 271 5.13 10.47 9.13
N SER A 272 6.35 10.85 8.77
CA SER A 272 6.78 12.24 8.85
C SER A 272 5.86 13.09 7.99
N LYS A 273 5.54 14.29 8.48
CA LYS A 273 4.60 15.16 7.78
C LYS A 273 5.31 16.31 7.09
N TYR A 274 4.52 17.15 6.42
CA TYR A 274 5.03 18.36 5.80
C TYR A 274 5.57 19.31 6.85
N ASN A 275 6.90 19.45 6.87
CA ASN A 275 7.54 20.31 7.87
C ASN A 275 8.14 21.57 7.26
N GLN A 276 7.27 22.36 6.63
CA GLN A 276 7.65 23.70 6.19
C GLN A 276 6.53 24.66 6.58
N ASN A 277 6.74 25.94 6.34
CA ASN A 277 5.86 26.97 6.89
C ASN A 277 4.91 27.58 5.87
N SER A 278 4.30 26.73 5.04
CA SER A 278 3.14 27.16 4.28
C SER A 278 1.90 26.79 5.07
N LYS A 279 0.97 27.72 5.19
CA LYS A 279 -0.25 27.46 5.93
C LYS A 279 -1.38 27.11 4.96
N TYR A 280 -1.00 26.61 3.79
CA TYR A 280 -1.98 26.25 2.77
C TYR A 280 -2.09 24.74 2.57
N ILE A 281 -1.00 24.02 2.82
CA ILE A 281 -0.92 22.59 2.49
C ILE A 281 -0.51 21.73 3.67
N ASN A 282 -0.78 20.42 3.57
CA ASN A 282 -0.34 19.45 4.56
C ASN A 282 -0.46 18.00 4.08
N TYR A 283 0.60 17.23 4.24
CA TYR A 283 0.63 15.84 3.78
C TYR A 283 1.58 14.98 4.63
N ARG A 284 1.40 13.67 4.55
CA ARG A 284 2.31 12.72 5.20
C ARG A 284 3.25 12.11 4.16
N ASP A 285 4.53 12.05 4.48
CA ASP A 285 5.54 11.53 3.56
C ASP A 285 5.22 10.10 3.14
N LEU A 286 5.30 9.84 1.84
CA LEU A 286 4.92 8.54 1.28
C LEU A 286 6.12 7.67 0.94
N TYR A 287 7.24 8.30 0.60
CA TYR A 287 8.45 7.59 0.23
C TYR A 287 9.28 7.25 1.46
N ILE A 288 8.65 6.61 2.44
CA ILE A 288 9.33 6.20 3.66
C ILE A 288 9.01 4.75 3.99
N GLY A 289 9.86 4.16 4.83
CA GLY A 289 9.71 2.77 5.19
C GLY A 289 10.60 1.91 4.33
N GLU A 290 10.62 0.61 4.63
CA GLU A 290 11.43 -0.30 3.85
C GLU A 290 10.95 -0.31 2.41
N LYS A 291 11.88 -0.44 1.47
CA LYS A 291 11.52 -0.55 0.06
C LYS A 291 11.21 -2.00 -0.24
N PHE A 292 9.97 -2.27 -0.64
CA PHE A 292 9.53 -3.64 -0.92
C PHE A 292 9.58 -3.95 -2.41
N ILE A 293 9.32 -5.20 -2.75
CA ILE A 293 9.36 -5.66 -4.14
C ILE A 293 8.69 -7.02 -4.26
N ILE A 294 7.85 -7.18 -5.28
CA ILE A 294 7.09 -8.42 -5.48
C ILE A 294 7.77 -9.35 -6.48
N ARG A 295 7.78 -10.66 -6.17
CA ARG A 295 8.39 -11.65 -7.04
C ARG A 295 7.40 -12.74 -7.42
N ARG A 296 7.59 -13.33 -8.60
CA ARG A 296 6.74 -14.43 -9.07
C ARG A 296 7.10 -15.74 -8.38
N LYS A 297 6.25 -16.75 -8.51
CA LYS A 297 6.53 -18.05 -7.94
C LYS A 297 6.41 -19.17 -8.95
N SER A 298 6.21 -18.79 -10.22
CA SER A 298 6.03 -19.75 -11.32
C SER A 298 4.84 -20.67 -11.05
N SER A 302 3.36 -20.23 -17.35
CA SER A 302 2.53 -19.21 -17.98
C SER A 302 2.73 -17.85 -17.32
N ILE A 303 3.95 -17.33 -17.39
CA ILE A 303 4.29 -16.08 -16.71
C ILE A 303 3.99 -14.79 -17.51
N ASN A 304 4.39 -14.78 -18.78
CA ASN A 304 4.14 -13.64 -19.65
C ASN A 304 4.67 -12.29 -19.15
N ASP A 305 3.80 -11.29 -19.23
CA ASP A 305 4.04 -9.91 -18.78
C ASP A 305 4.27 -9.85 -17.28
N ASP A 306 4.88 -8.74 -16.82
CA ASP A 306 5.22 -8.61 -15.40
C ASP A 306 4.11 -7.94 -14.61
N ILE A 307 2.87 -8.27 -14.94
CA ILE A 307 1.72 -7.69 -14.25
C ILE A 307 1.17 -8.64 -13.18
N VAL A 308 1.03 -8.14 -11.96
CA VAL A 308 0.51 -8.92 -10.85
C VAL A 308 -1.01 -9.02 -10.90
N ARG A 309 -1.52 -10.23 -11.07
CA ARG A 309 -2.96 -10.43 -11.15
C ARG A 309 -3.49 -11.01 -9.86
N LYS A 310 -4.81 -11.02 -9.73
CA LYS A 310 -5.44 -11.56 -8.54
C LYS A 310 -5.17 -13.07 -8.43
N GLU A 311 -5.12 -13.56 -7.19
CA GLU A 311 -4.90 -14.97 -6.86
C GLU A 311 -3.52 -15.50 -7.26
N ASP A 312 -2.66 -14.64 -7.81
CA ASP A 312 -1.30 -15.06 -8.16
C ASP A 312 -0.50 -15.39 -6.91
N TYR A 313 0.45 -16.31 -7.05
CA TYR A 313 1.31 -16.70 -5.94
C TYR A 313 2.65 -15.97 -6.02
N ILE A 314 3.06 -15.38 -4.91
CA ILE A 314 4.18 -14.44 -4.92
C ILE A 314 5.14 -14.59 -3.74
N TYR A 315 6.33 -14.03 -3.90
CA TYR A 315 7.22 -13.79 -2.77
C TYR A 315 7.23 -12.30 -2.49
N LEU A 316 7.01 -11.92 -1.23
CA LEU A 316 7.14 -10.52 -0.83
C LEU A 316 8.55 -10.29 -0.30
N ASP A 317 9.37 -9.62 -1.11
CA ASP A 317 10.74 -9.33 -0.75
C ASP A 317 10.91 -7.85 -0.43
N PHE A 318 12.07 -7.48 0.09
CA PHE A 318 12.37 -6.08 0.37
C PHE A 318 13.87 -5.88 0.50
N PHE A 319 14.33 -4.66 0.30
CA PHE A 319 15.76 -4.41 0.28
C PHE A 319 16.26 -3.93 1.62
N ASN A 320 17.09 -4.77 2.24
CA ASN A 320 17.77 -4.43 3.46
C ASN A 320 19.26 -4.29 3.20
N LEU A 321 19.80 -3.11 3.52
CA LEU A 321 21.17 -2.75 3.19
C LEU A 321 21.43 -2.91 1.70
N ASN A 322 22.23 -3.93 1.40
CA ASN A 322 22.74 -4.22 0.06
C ASN A 322 22.19 -5.56 -0.42
N GLN A 323 21.02 -5.95 0.07
CA GLN A 323 20.55 -7.31 -0.20
C GLN A 323 19.03 -7.44 -0.25
N GLU A 324 18.57 -8.37 -1.07
CA GLU A 324 17.15 -8.70 -1.15
C GLU A 324 16.77 -9.75 -0.09
N TRP A 325 15.97 -9.33 0.88
CA TRP A 325 15.47 -10.22 1.91
C TRP A 325 14.01 -10.58 1.64
N ARG A 326 13.48 -11.51 2.44
CA ARG A 326 12.12 -12.00 2.24
C ARG A 326 11.28 -11.93 3.51
N VAL A 327 9.96 -11.85 3.33
CA VAL A 327 9.02 -11.83 4.43
C VAL A 327 8.39 -13.21 4.67
N TYR A 328 8.74 -13.83 5.80
CA TYR A 328 8.24 -15.14 6.17
C TYR A 328 7.29 -15.11 7.37
N THR A 329 6.65 -16.25 7.65
CA THR A 329 5.95 -16.47 8.92
C THR A 329 6.37 -17.79 9.55
N TYR A 330 6.25 -17.89 10.87
CA TYR A 330 6.46 -19.16 11.55
C TYR A 330 5.30 -20.08 11.23
N LYS A 331 5.61 -21.33 10.92
CA LYS A 331 4.66 -22.26 10.34
C LYS A 331 3.48 -22.60 11.27
N TYR A 332 3.76 -22.79 12.55
CA TYR A 332 2.70 -23.01 13.53
C TYR A 332 2.87 -22.10 14.74
N PHE A 333 2.00 -21.11 14.85
CA PHE A 333 1.98 -20.27 16.04
C PHE A 333 0.66 -20.47 16.76
N LYS A 334 0.73 -20.44 18.10
CA LYS A 334 -0.38 -20.87 18.95
C LYS A 334 -1.51 -19.86 19.05
N LYS A 335 -1.18 -18.61 19.36
CA LYS A 335 -2.18 -17.56 19.55
C LYS A 335 -2.95 -17.25 18.27
N GLU A 336 -3.75 -16.20 18.31
CA GLU A 336 -4.51 -15.77 17.15
C GLU A 336 -3.56 -15.19 16.09
N GLU A 337 -2.61 -14.36 16.54
CA GLU A 337 -1.69 -13.68 15.64
C GLU A 337 -0.23 -13.80 16.09
N GLU A 338 0.68 -13.61 15.13
CA GLU A 338 2.12 -13.67 15.43
C GLU A 338 2.91 -12.69 14.56
N LYS A 339 4.03 -12.19 15.10
CA LYS A 339 4.90 -11.28 14.38
C LYS A 339 5.47 -11.94 13.13
N LEU A 340 5.64 -11.17 12.06
CA LEU A 340 6.23 -11.69 10.83
C LEU A 340 7.75 -11.69 10.93
N PHE A 341 8.38 -12.65 10.26
CA PHE A 341 9.81 -12.90 10.36
C PHE A 341 10.52 -12.50 9.08
N LEU A 342 11.21 -11.36 9.13
CA LEU A 342 11.94 -10.84 7.98
C LEU A 342 13.36 -11.37 7.99
N ALA A 343 13.81 -11.95 6.87
CA ALA A 343 15.12 -12.59 6.88
C ALA A 343 15.66 -12.86 5.48
N PRO A 344 17.00 -13.00 5.34
CA PRO A 344 17.62 -13.38 4.07
C PRO A 344 16.91 -14.54 3.39
N ILE A 345 16.99 -14.59 2.06
CA ILE A 345 16.25 -15.60 1.31
C ILE A 345 16.82 -17.01 1.51
N SER A 346 15.99 -17.91 2.01
CA SER A 346 16.41 -19.30 2.21
C SER A 346 15.27 -20.27 1.91
N ASP A 347 15.63 -21.48 1.49
CA ASP A 347 14.65 -22.56 1.31
C ASP A 347 14.50 -23.27 2.66
N SER A 348 13.68 -22.71 3.53
CA SER A 348 13.61 -23.20 4.91
C SER A 348 12.47 -24.16 5.18
N ASP A 349 12.51 -24.77 6.36
CA ASP A 349 11.56 -25.82 6.73
C ASP A 349 10.56 -25.30 7.75
N GLU A 350 10.98 -24.32 8.54
CA GLU A 350 10.15 -23.81 9.64
C GLU A 350 9.19 -22.74 9.20
N PHE A 351 9.27 -22.31 7.95
CA PHE A 351 8.50 -21.16 7.49
C PHE A 351 7.71 -21.41 6.20
N TYR A 352 6.69 -20.59 6.01
CA TYR A 352 6.06 -20.44 4.71
C TYR A 352 6.63 -19.17 4.06
N ASN A 353 6.89 -19.22 2.76
CA ASN A 353 7.42 -18.06 2.07
C ASN A 353 6.48 -17.56 0.97
N THR A 354 5.50 -18.38 0.63
CA THR A 354 4.60 -18.09 -0.48
C THR A 354 3.34 -17.37 -0.03
N ILE A 355 3.01 -16.30 -0.74
CA ILE A 355 1.80 -15.52 -0.49
C ILE A 355 0.87 -15.56 -1.68
N GLN A 356 -0.44 -15.64 -1.42
CA GLN A 356 -1.44 -15.51 -2.47
C GLN A 356 -2.10 -14.15 -2.32
N ILE A 357 -2.07 -13.36 -3.38
CA ILE A 357 -2.54 -11.98 -3.32
C ILE A 357 -4.00 -11.87 -3.78
N LYS A 358 -4.82 -11.23 -2.96
CA LYS A 358 -6.27 -11.25 -3.11
C LYS A 358 -6.85 -9.86 -3.19
N GLU A 359 -8.05 -9.74 -3.77
CA GLU A 359 -8.82 -8.50 -3.69
C GLU A 359 -10.25 -8.84 -3.27
N TYR A 360 -10.44 -9.04 -1.97
CA TYR A 360 -11.72 -9.49 -1.43
C TYR A 360 -12.85 -8.49 -1.65
N ASP A 361 -12.47 -7.25 -1.96
CA ASP A 361 -13.42 -6.17 -2.18
C ASP A 361 -14.18 -6.33 -3.50
N GLU A 362 -15.48 -6.08 -3.47
CA GLU A 362 -16.30 -6.18 -4.68
C GLU A 362 -16.48 -4.81 -5.33
N GLN A 363 -16.09 -3.78 -4.61
CA GLN A 363 -16.16 -2.43 -5.13
C GLN A 363 -14.80 -1.98 -5.66
N PRO A 364 -14.79 -0.99 -6.56
CA PRO A 364 -13.57 -0.39 -7.09
C PRO A 364 -12.65 0.14 -6.00
N THR A 365 -11.53 -0.54 -5.78
CA THR A 365 -10.58 -0.16 -4.75
C THR A 365 -9.15 -0.34 -5.28
N TYR A 366 -8.19 0.30 -4.62
CA TYR A 366 -6.78 0.13 -4.97
C TYR A 366 -6.07 -0.74 -3.97
N SER A 367 -6.83 -1.30 -3.03
CA SER A 367 -6.26 -2.14 -1.99
C SER A 367 -6.27 -3.61 -2.36
N CYS A 368 -5.28 -4.33 -1.84
CA CYS A 368 -5.22 -5.77 -1.96
C CYS A 368 -4.80 -6.36 -0.61
N GLN A 369 -4.94 -7.67 -0.46
CA GLN A 369 -4.62 -8.34 0.79
C GLN A 369 -3.70 -9.54 0.56
N LEU A 370 -2.94 -9.89 1.58
CA LEU A 370 -1.94 -10.94 1.43
C LEU A 370 -2.25 -12.17 2.28
N LEU A 371 -2.47 -13.30 1.62
CA LEU A 371 -2.90 -14.52 2.30
C LEU A 371 -1.83 -15.62 2.30
N PHE A 372 -1.43 -16.04 3.50
CA PHE A 372 -0.51 -17.15 3.65
C PHE A 372 -1.23 -18.49 3.58
N LYS A 373 -0.83 -19.35 2.64
CA LYS A 373 -1.39 -20.69 2.52
C LYS A 373 -0.31 -21.75 2.68
N LYS A 374 -0.72 -22.96 3.10
CA LYS A 374 0.20 -24.07 3.31
C LYS A 374 0.84 -24.52 1.99
N ASP A 375 0.01 -25.02 1.08
CA ASP A 375 0.47 -25.30 -0.29
C ASP A 375 -0.44 -24.58 -1.26
N GLU A 376 0.10 -24.25 -2.44
CA GLU A 376 -0.71 -23.61 -3.47
C GLU A 376 -1.75 -24.57 -4.01
N GLU A 377 -1.58 -25.85 -3.71
CA GLU A 377 -2.54 -26.87 -4.08
C GLU A 377 -3.45 -27.18 -2.90
N SER A 378 -3.01 -26.80 -1.71
CA SER A 378 -3.75 -27.07 -0.47
C SER A 378 -5.02 -26.22 -0.36
N THR A 379 -5.62 -26.25 0.83
CA THR A 379 -6.89 -25.59 1.07
C THR A 379 -6.92 -24.86 2.41
N ASP A 380 -5.94 -25.16 3.25
CA ASP A 380 -5.89 -24.59 4.60
C ASP A 380 -5.27 -23.19 4.58
N GLU A 381 -5.87 -22.27 5.32
CA GLU A 381 -5.41 -20.88 5.37
C GLU A 381 -4.75 -20.53 6.69
N ILE A 382 -3.52 -20.04 6.64
CA ILE A 382 -2.80 -19.67 7.85
C ILE A 382 -3.35 -18.36 8.43
N GLY A 383 -3.11 -17.26 7.72
CA GLY A 383 -3.62 -15.96 8.14
C GLY A 383 -3.38 -14.88 7.09
N LEU A 384 -3.88 -13.68 7.35
CA LEU A 384 -3.63 -12.54 6.48
C LEU A 384 -2.52 -11.67 7.05
N ILE A 385 -1.90 -10.87 6.20
CA ILE A 385 -0.85 -9.96 6.64
C ILE A 385 -1.43 -8.64 7.05
N GLY A 386 -1.00 -8.12 8.19
CA GLY A 386 -1.50 -6.84 8.69
C GLY A 386 -0.60 -6.20 9.73
N ILE A 387 -1.20 -5.36 10.56
CA ILE A 387 -0.51 -4.73 11.66
C ILE A 387 -1.23 -5.04 12.97
N HIS A 388 -0.51 -5.52 13.97
CA HIS A 388 -1.16 -5.86 15.24
C HIS A 388 -0.44 -5.21 16.41
N ARG A 389 -1.14 -5.08 17.53
CA ARG A 389 -0.54 -4.48 18.71
C ARG A 389 -0.16 -5.56 19.72
N PHE A 390 1.15 -5.82 19.84
CA PHE A 390 1.67 -6.87 20.70
C PHE A 390 2.12 -6.36 22.06
N TYR A 391 2.22 -7.26 23.03
CA TYR A 391 2.72 -6.92 24.35
C TYR A 391 4.22 -6.60 24.28
N GLU A 392 4.74 -5.78 25.19
CA GLU A 392 6.13 -5.35 25.07
C GLU A 392 6.90 -5.18 26.39
N SER A 393 6.29 -4.52 27.39
CA SER A 393 7.02 -4.12 28.59
C SER A 393 6.54 -4.77 29.88
N GLY A 394 6.59 -3.98 30.96
CA GLY A 394 6.32 -4.45 32.31
C GLY A 394 4.90 -4.52 32.82
N ILE A 395 4.77 -5.14 33.99
CA ILE A 395 3.50 -5.38 34.68
C ILE A 395 2.99 -4.14 35.39
N VAL A 396 3.92 -3.35 35.95
CA VAL A 396 3.58 -2.11 36.63
C VAL A 396 2.91 -1.15 35.65
N PHE A 397 3.55 -0.97 34.50
CA PHE A 397 3.03 -0.11 33.46
C PHE A 397 2.93 -0.88 32.15
N GLU A 398 1.71 -1.25 31.78
CA GLU A 398 1.45 -1.93 30.51
C GLU A 398 1.90 -1.08 29.33
N GLU A 399 2.73 -1.67 28.47
CA GLU A 399 3.13 -1.01 27.23
C GLU A 399 3.04 -1.97 26.05
N TYR A 400 2.33 -1.53 25.02
CA TYR A 400 2.14 -2.34 23.83
C TYR A 400 2.78 -1.67 22.62
N LYS A 401 3.11 -2.45 21.59
CA LYS A 401 3.78 -1.92 20.40
C LYS A 401 3.21 -2.49 19.10
N ASP A 402 3.07 -1.62 18.09
CA ASP A 402 2.58 -2.05 16.79
C ASP A 402 3.67 -2.80 16.01
N TYR A 403 3.31 -3.98 15.49
CA TYR A 403 4.24 -4.81 14.73
C TYR A 403 3.64 -5.34 13.42
N PHE A 404 4.53 -5.56 12.46
CA PHE A 404 4.23 -6.19 11.17
C PHE A 404 3.86 -7.64 11.41
N CYS A 405 2.57 -7.96 11.26
CA CYS A 405 2.04 -9.21 11.75
C CYS A 405 1.35 -10.10 10.72
N ILE A 406 1.10 -11.34 11.13
CA ILE A 406 0.18 -12.23 10.43
C ILE A 406 -0.91 -12.64 11.43
N SER A 407 -2.18 -12.52 11.03
CA SER A 407 -3.28 -12.81 11.93
C SER A 407 -4.36 -13.68 11.30
N LYS A 408 -4.91 -14.59 12.11
CA LYS A 408 -6.02 -15.44 11.70
C LYS A 408 -7.35 -14.69 11.84
N TRP A 409 -7.31 -13.58 12.57
CA TRP A 409 -8.51 -12.83 12.89
C TRP A 409 -9.17 -12.19 11.68
N TYR A 410 -8.36 -11.75 10.71
CA TYR A 410 -8.88 -11.11 9.51
C TYR A 410 -9.71 -12.08 8.65
N LEU A 411 -9.34 -13.36 8.73
CA LEU A 411 -9.92 -14.41 7.89
C LEU A 411 -11.45 -14.47 7.91
N LYS A 412 -12.05 -14.12 9.04
CA LYS A 412 -13.50 -14.12 9.13
C LYS A 412 -14.06 -12.73 8.84
N GLU A 413 -13.24 -11.72 9.09
CA GLU A 413 -13.66 -10.34 8.87
C GLU A 413 -13.83 -10.02 7.39
N VAL A 414 -12.96 -10.57 6.54
CA VAL A 414 -13.05 -10.32 5.10
C VAL A 414 -14.38 -10.80 4.51
N LYS A 415 -15.00 -11.78 5.17
CA LYS A 415 -16.25 -12.38 4.70
C LYS A 415 -17.46 -11.50 5.03
N ARG A 416 -17.24 -10.40 5.73
CA ARG A 416 -18.31 -9.48 6.09
C ARG A 416 -18.62 -8.52 4.93
N LYS A 417 -19.90 -8.36 4.61
CA LYS A 417 -20.34 -7.45 3.54
C LYS A 417 -21.28 -6.38 4.07
N PRO A 418 -21.10 -5.12 3.64
CA PRO A 418 -20.08 -4.66 2.68
C PRO A 418 -18.67 -4.62 3.27
N TYR A 419 -17.69 -4.99 2.46
CA TYR A 419 -16.30 -5.11 2.86
C TYR A 419 -15.79 -3.87 3.61
N ASN A 420 -15.27 -4.10 4.81
CA ASN A 420 -14.74 -3.03 5.66
C ASN A 420 -13.42 -2.47 5.14
N LEU A 421 -13.44 -1.24 4.66
CA LEU A 421 -12.27 -0.62 4.04
C LEU A 421 -11.15 -0.33 5.02
N LYS A 422 -11.50 -0.14 6.29
CA LYS A 422 -10.52 0.29 7.30
C LYS A 422 -9.75 -0.88 7.94
N LEU A 423 -9.97 -2.09 7.42
CA LEU A 423 -9.25 -3.26 7.91
C LEU A 423 -7.74 -3.08 7.82
N GLY A 424 -7.00 -3.78 8.68
CA GLY A 424 -5.55 -3.67 8.70
C GLY A 424 -4.86 -4.64 7.76
N CYS A 425 -5.65 -5.53 7.15
CA CYS A 425 -5.11 -6.50 6.21
C CYS A 425 -5.07 -5.92 4.80
N ASN A 426 -5.53 -4.67 4.68
CA ASN A 426 -5.58 -3.96 3.40
C ASN A 426 -4.31 -3.16 3.12
N TRP A 427 -3.59 -3.57 2.09
CA TRP A 427 -2.35 -2.88 1.73
C TRP A 427 -2.45 -2.24 0.36
N GLN A 428 -1.65 -1.20 0.17
CA GLN A 428 -1.51 -0.52 -1.11
C GLN A 428 -0.04 -0.23 -1.36
N PHE A 429 0.42 -0.46 -2.59
CA PHE A 429 1.83 -0.31 -2.92
C PHE A 429 2.13 1.03 -3.57
N ILE A 430 3.13 1.72 -3.06
CA ILE A 430 3.46 3.08 -3.49
C ILE A 430 4.84 3.17 -4.15
N PRO A 431 4.87 3.22 -5.49
CA PRO A 431 6.12 3.43 -6.24
C PRO A 431 6.42 4.91 -6.43
N LYS A 432 7.69 5.27 -6.63
CA LYS A 432 8.03 6.66 -6.95
C LYS A 432 7.36 7.08 -8.25
N ASP A 433 6.65 8.21 -8.21
CA ASP A 433 5.94 8.72 -9.38
C ASP A 433 6.28 10.18 -9.58
N GLU A 434 6.47 10.60 -10.84
CA GLU A 434 6.87 11.98 -11.11
C GLU A 434 5.76 12.97 -10.75
N GLY A 435 4.59 12.45 -10.38
CA GLY A 435 3.48 13.27 -9.97
C GLY A 435 3.45 13.52 -8.47
N TRP A 436 4.47 13.04 -7.76
CA TRP A 436 4.56 13.24 -6.32
C TRP A 436 5.97 13.57 -5.84
N THR A 437 6.15 14.80 -5.36
CA THR A 437 7.42 15.25 -4.79
C THR A 437 7.32 15.55 -3.30
N GLU A 438 8.39 15.30 -2.57
CA GLU A 438 8.41 15.57 -1.14
C GLU A 438 9.83 15.69 -0.62
N VAL B 23 13.61 -2.95 32.56
CA VAL B 23 13.41 -4.14 31.73
C VAL B 23 14.74 -4.87 31.52
N GLN B 24 15.11 -5.69 32.50
CA GLN B 24 16.36 -6.44 32.44
C GLN B 24 16.08 -7.87 32.85
N LEU B 25 17.07 -8.74 32.70
CA LEU B 25 16.92 -10.13 33.09
C LEU B 25 17.96 -10.55 34.13
N ALA B 26 17.48 -10.90 35.31
CA ALA B 26 18.33 -11.43 36.37
C ALA B 26 18.85 -12.81 35.97
N GLU B 27 20.02 -13.19 36.47
CA GLU B 27 20.61 -14.47 36.13
C GLU B 27 21.26 -15.13 37.34
N SER B 28 20.91 -16.39 37.58
CA SER B 28 21.44 -17.12 38.73
C SER B 28 21.92 -18.51 38.34
N GLY B 29 22.66 -19.15 39.24
CA GLY B 29 23.25 -20.45 38.98
C GLY B 29 24.73 -20.41 39.32
N GLY B 30 25.22 -21.50 39.90
CA GLY B 30 26.59 -21.53 40.39
C GLY B 30 27.65 -21.62 39.33
N GLY B 31 28.91 -21.71 39.77
CA GLY B 31 30.06 -21.74 38.86
C GLY B 31 30.82 -23.05 38.81
N LEU B 32 31.77 -23.20 39.72
CA LEU B 32 32.73 -24.32 39.72
C LEU B 32 32.15 -25.69 40.06
N VAL B 33 32.39 -26.65 39.18
CA VAL B 33 31.88 -28.00 39.33
C VAL B 33 32.88 -28.98 38.72
N GLN B 34 32.79 -30.26 39.09
CA GLN B 34 33.72 -31.25 38.57
C GLN B 34 33.11 -32.02 37.40
N PRO B 35 33.95 -32.46 36.46
CA PRO B 35 33.47 -33.11 35.23
C PRO B 35 32.59 -34.33 35.49
N GLY B 36 31.30 -34.18 35.24
CA GLY B 36 30.34 -35.25 35.43
C GLY B 36 29.17 -34.84 36.31
N GLY B 37 29.33 -33.72 37.01
CA GLY B 37 28.31 -33.25 37.94
C GLY B 37 27.06 -32.69 37.28
N SER B 38 26.33 -31.86 38.03
CA SER B 38 25.13 -31.22 37.50
C SER B 38 25.01 -29.81 38.05
N LEU B 39 24.12 -29.02 37.46
CA LEU B 39 23.95 -27.63 37.86
C LEU B 39 22.65 -27.04 37.30
N ARG B 40 21.98 -26.22 38.09
CA ARG B 40 20.75 -25.56 37.65
C ARG B 40 20.95 -24.05 37.52
N LEU B 41 20.57 -23.50 36.36
CA LEU B 41 20.67 -22.06 36.12
C LEU B 41 19.29 -21.44 36.02
N SER B 42 19.12 -20.26 36.62
CA SER B 42 17.79 -19.65 36.65
C SER B 42 17.82 -18.17 36.26
N CYS B 43 16.66 -17.66 35.86
CA CYS B 43 16.55 -16.24 35.52
C CYS B 43 15.19 -15.67 35.91
N GLU B 44 15.23 -14.48 36.50
CA GLU B 44 14.02 -13.76 36.94
C GLU B 44 13.72 -12.58 36.02
N ALA B 45 12.44 -12.42 35.69
CA ALA B 45 12.02 -11.40 34.74
C ALA B 45 11.69 -10.08 35.43
N SER B 46 12.71 -9.45 36.00
CA SER B 46 12.50 -8.14 36.63
C SER B 46 12.49 -7.06 35.56
N GLY B 47 11.28 -6.59 35.22
CA GLY B 47 11.11 -5.64 34.15
C GLY B 47 9.80 -5.89 33.41
N PHE B 48 9.77 -6.86 32.53
CA PHE B 48 8.56 -7.18 31.78
C PHE B 48 7.89 -8.46 32.25
N HIS B 49 6.65 -8.65 31.84
CA HIS B 49 5.92 -9.89 32.04
C HIS B 49 6.53 -10.92 31.12
N LEU B 50 6.37 -12.19 31.40
CA LEU B 50 7.02 -13.20 30.58
C LEU B 50 6.15 -14.23 29.84
N GLU B 51 4.84 -14.10 29.92
CA GLU B 51 3.95 -15.15 29.42
C GLU B 51 3.96 -15.46 27.92
N HIS B 52 4.11 -14.45 27.09
CA HIS B 52 3.75 -14.47 25.68
C HIS B 52 5.03 -14.47 24.82
N PHE B 53 6.17 -14.58 25.49
CA PHE B 53 7.47 -14.56 24.84
C PHE B 53 8.18 -15.90 24.99
N ALA B 54 8.82 -16.37 23.92
CA ALA B 54 9.68 -17.54 24.01
C ALA B 54 10.97 -17.14 24.69
N VAL B 55 11.69 -18.11 25.26
CA VAL B 55 12.85 -17.79 26.08
C VAL B 55 13.99 -18.74 25.77
N GLY B 56 15.22 -18.23 25.76
CA GLY B 56 16.36 -19.04 25.38
C GLY B 56 17.60 -18.88 26.24
N TRP B 57 18.44 -19.91 26.20
CA TRP B 57 19.71 -19.95 26.94
C TRP B 57 20.88 -20.06 25.98
N PHE B 58 21.90 -19.25 26.23
CA PHE B 58 23.07 -19.19 25.35
C PHE B 58 24.38 -19.30 26.12
N ARG B 59 25.28 -20.17 25.65
CA ARG B 59 26.58 -20.30 26.28
C ARG B 59 27.70 -19.72 25.41
N GLN B 60 28.65 -19.02 26.05
CA GLN B 60 29.82 -18.51 25.34
C GLN B 60 31.11 -18.88 26.06
N ALA B 61 31.89 -19.77 25.44
CA ALA B 61 33.18 -20.18 25.99
C ALA B 61 34.29 -19.26 25.48
N PRO B 62 35.39 -19.14 26.25
CA PRO B 62 36.52 -18.31 25.83
C PRO B 62 37.05 -18.70 24.46
N GLY B 63 37.06 -17.75 23.52
CA GLY B 63 37.55 -17.99 22.18
C GLY B 63 36.46 -18.42 21.21
N LYS B 64 35.20 -18.22 21.60
CA LYS B 64 34.07 -18.62 20.77
C LYS B 64 32.98 -17.56 20.77
N GLU B 65 32.09 -17.62 19.78
CA GLU B 65 30.95 -16.72 19.72
C GLU B 65 29.73 -17.42 20.34
N ARG B 66 28.81 -16.63 20.91
CA ARG B 66 27.63 -17.15 21.58
C ARG B 66 26.87 -18.21 20.77
N GLU B 67 26.42 -19.25 21.46
CA GLU B 67 25.68 -20.35 20.84
C GLU B 67 24.43 -20.70 21.62
N GLY B 68 23.39 -21.15 20.92
CA GLY B 68 22.16 -21.56 21.56
C GLY B 68 22.32 -22.89 22.26
N VAL B 69 21.67 -23.03 23.40
CA VAL B 69 21.67 -24.30 24.13
C VAL B 69 20.27 -24.90 24.11
N SER B 70 19.32 -24.13 24.63
CA SER B 70 17.94 -24.58 24.67
C SER B 70 16.97 -23.42 24.64
N CYS B 71 15.75 -23.71 24.19
CA CYS B 71 14.72 -22.67 24.16
C CYS B 71 13.32 -23.25 24.35
N ILE B 72 12.46 -22.44 24.95
CA ILE B 72 11.08 -22.83 25.24
C ILE B 72 10.09 -21.86 24.62
N SER B 73 9.00 -22.42 24.11
CA SER B 73 7.86 -21.66 23.62
C SER B 73 7.30 -20.73 24.69
N ALA B 74 6.51 -19.75 24.26
CA ALA B 74 5.90 -18.81 25.18
C ALA B 74 5.01 -19.53 26.17
N SER B 75 4.33 -20.57 25.72
CA SER B 75 3.65 -21.47 26.62
C SER B 75 4.63 -22.61 26.79
N GLY B 76 4.10 -23.82 26.83
CA GLY B 76 4.87 -25.04 27.04
C GLY B 76 4.79 -26.04 25.91
N ASP B 77 4.48 -25.57 24.70
CA ASP B 77 4.14 -26.47 23.60
C ASP B 77 5.26 -27.45 23.26
N SER B 78 6.50 -26.96 23.26
CA SER B 78 7.65 -27.84 23.12
C SER B 78 8.95 -27.05 23.12
N THR B 79 9.99 -27.62 23.75
CA THR B 79 11.29 -26.97 23.82
C THR B 79 12.31 -27.68 22.95
N THR B 80 13.29 -26.92 22.45
CA THR B 80 14.33 -27.48 21.59
C THR B 80 15.70 -27.33 22.25
N TYR B 81 16.57 -28.31 22.00
CA TYR B 81 17.89 -28.37 22.61
C TYR B 81 18.97 -28.54 21.54
N ALA B 82 20.18 -28.10 21.86
CA ALA B 82 21.35 -28.38 21.05
C ALA B 82 21.66 -29.87 21.14
N ASP B 83 22.23 -30.43 20.08
CA ASP B 83 22.43 -31.87 19.99
C ASP B 83 23.36 -32.44 21.07
N SER B 84 24.44 -31.72 21.38
CA SER B 84 25.42 -32.22 22.33
C SER B 84 24.86 -32.43 23.73
N VAL B 85 24.05 -31.47 24.19
CA VAL B 85 23.42 -31.57 25.51
C VAL B 85 22.02 -32.17 25.39
N LYS B 86 21.64 -32.51 24.16
CA LYS B 86 20.28 -32.95 23.85
C LYS B 86 19.67 -33.83 24.94
N GLY B 87 20.36 -34.93 25.26
CA GLY B 87 19.88 -35.84 26.29
C GLY B 87 20.09 -35.31 27.70
N ARG B 88 21.23 -34.66 27.91
CA ARG B 88 21.62 -34.13 29.22
C ARG B 88 20.72 -33.08 29.85
N SER B 89 20.63 -31.91 29.23
CA SER B 89 19.91 -30.79 29.79
C SER B 89 18.42 -30.94 29.56
N THR B 90 17.64 -30.35 30.47
CA THR B 90 16.21 -30.13 30.26
C THR B 90 15.90 -28.72 30.71
N ILE B 91 14.81 -28.15 30.20
CA ILE B 91 14.52 -26.74 30.42
C ILE B 91 13.06 -26.52 30.84
N SER B 92 12.83 -25.57 31.73
CA SER B 92 11.49 -25.32 32.24
C SER B 92 11.17 -23.83 32.38
N LYS B 93 9.89 -23.52 32.52
CA LYS B 93 9.44 -22.14 32.61
C LYS B 93 8.26 -21.98 33.56
N ASP B 94 8.34 -20.98 34.44
CA ASP B 94 7.29 -20.71 35.41
C ASP B 94 6.67 -19.33 35.19
N ASN B 95 5.36 -19.32 34.94
CA ASN B 95 4.61 -18.09 34.71
C ASN B 95 4.24 -17.38 36.00
N ALA B 96 4.30 -18.10 37.12
CA ALA B 96 3.98 -17.52 38.42
C ALA B 96 5.16 -16.75 39.01
N LYS B 97 6.29 -17.45 39.18
CA LYS B 97 7.51 -16.82 39.68
C LYS B 97 8.14 -15.90 38.63
N ASN B 98 7.56 -15.90 37.43
CA ASN B 98 8.07 -15.12 36.30
C ASN B 98 9.51 -15.45 35.98
N ALA B 99 9.80 -16.74 35.83
CA ALA B 99 11.19 -17.16 35.74
C ALA B 99 11.39 -18.33 34.82
N VAL B 100 12.65 -18.57 34.43
CA VAL B 100 12.95 -19.70 33.56
C VAL B 100 14.20 -20.43 34.07
N TYR B 101 14.16 -21.77 34.03
CA TYR B 101 15.25 -22.58 34.57
C TYR B 101 15.83 -23.56 33.54
N LEU B 102 17.11 -23.86 33.69
CA LEU B 102 17.80 -24.83 32.85
C LEU B 102 18.61 -25.81 33.70
N GLN B 103 18.16 -27.05 33.72
CA GLN B 103 18.84 -28.13 34.43
C GLN B 103 19.85 -28.80 33.52
N MET B 104 21.13 -28.71 33.87
CA MET B 104 22.17 -29.38 33.09
C MET B 104 22.88 -30.47 33.88
N ASP B 105 22.67 -31.71 33.47
CA ASP B 105 23.27 -32.87 34.13
C ASP B 105 24.51 -33.34 33.38
N SER B 106 25.15 -34.39 33.91
CA SER B 106 26.36 -35.02 33.37
C SER B 106 27.25 -34.08 32.54
N LEU B 107 27.71 -33.01 33.18
CA LEU B 107 28.46 -31.97 32.51
C LEU B 107 29.77 -32.46 31.91
N ARG B 108 30.12 -31.90 30.76
CA ARG B 108 31.39 -32.18 30.11
C ARG B 108 32.37 -31.05 30.39
N PRO B 109 33.68 -31.32 30.29
CA PRO B 109 34.70 -30.28 30.52
C PRO B 109 34.76 -29.26 29.39
N GLU B 110 33.76 -29.29 28.51
CA GLU B 110 33.72 -28.44 27.34
C GLU B 110 32.56 -27.46 27.41
N ASP B 111 31.58 -27.78 28.26
CA ASP B 111 30.39 -26.96 28.42
C ASP B 111 30.67 -25.74 29.29
N THR B 112 31.95 -25.51 29.58
CA THR B 112 32.35 -24.41 30.44
C THR B 112 32.34 -23.07 29.69
N GLY B 113 31.90 -22.02 30.38
CA GLY B 113 31.81 -20.69 29.79
C GLY B 113 30.78 -19.82 30.48
N ASP B 114 30.59 -18.60 29.99
CA ASP B 114 29.56 -17.71 30.53
C ASP B 114 28.19 -18.11 29.98
N TYR B 115 27.16 -18.09 30.82
CA TYR B 115 25.82 -18.45 30.38
C TYR B 115 24.84 -17.28 30.51
N TYR B 116 24.04 -17.10 29.46
CA TYR B 116 23.15 -15.96 29.31
C TYR B 116 21.73 -16.41 29.01
N CYS B 117 20.78 -15.55 29.36
CA CYS B 117 19.39 -15.80 29.03
C CYS B 117 18.84 -14.66 28.18
N ALA B 118 17.77 -14.94 27.43
CA ALA B 118 17.18 -13.92 26.59
C ALA B 118 15.72 -14.21 26.25
N ALA B 119 15.01 -13.17 25.84
CA ALA B 119 13.61 -13.29 25.43
C ALA B 119 13.46 -13.12 23.91
N SER B 120 12.57 -13.88 23.32
CA SER B 120 12.32 -13.82 21.87
C SER B 120 11.29 -12.73 21.52
N HIS B 121 11.15 -12.45 20.24
CA HIS B 121 10.10 -11.55 19.77
C HIS B 121 8.83 -12.36 19.55
N PHE B 122 9.01 -13.62 19.16
CA PHE B 122 7.88 -14.48 18.85
C PHE B 122 7.58 -15.43 19.99
N SER B 123 6.37 -15.97 19.98
CA SER B 123 5.99 -16.98 20.96
C SER B 123 6.60 -18.33 20.60
N VAL B 124 6.51 -18.71 19.33
CA VAL B 124 7.09 -19.97 18.83
C VAL B 124 8.58 -20.09 19.09
N CYS B 125 9.03 -21.30 19.46
CA CYS B 125 10.44 -21.60 19.62
C CYS B 125 10.92 -22.47 18.45
N GLY B 126 11.62 -21.85 17.50
CA GLY B 126 12.04 -22.55 16.29
C GLY B 126 13.02 -23.69 16.49
N LYS B 127 13.06 -24.60 15.51
CA LYS B 127 13.94 -25.75 15.56
C LYS B 127 15.39 -25.35 15.79
N ASN B 128 15.87 -24.38 15.04
CA ASN B 128 17.21 -23.86 15.23
C ASN B 128 17.15 -22.56 16.02
N ILE B 129 18.27 -22.20 16.63
CA ILE B 129 18.29 -21.08 17.56
C ILE B 129 19.18 -19.97 17.03
N ARG B 130 18.59 -18.79 16.86
CA ARG B 130 19.31 -17.64 16.32
C ARG B 130 19.31 -16.50 17.32
N LYS B 131 20.49 -15.95 17.59
CA LYS B 131 20.64 -14.85 18.54
C LYS B 131 19.85 -13.61 18.11
N ILE B 132 19.53 -13.53 16.83
CA ILE B 132 18.85 -12.38 16.26
C ILE B 132 17.45 -12.17 16.86
N GLU B 133 16.77 -13.28 17.12
CA GLU B 133 15.39 -13.23 17.60
C GLU B 133 15.26 -12.72 19.03
N TYR B 134 16.36 -12.72 19.78
CA TYR B 134 16.30 -12.47 21.22
C TYR B 134 16.75 -11.07 21.64
N ARG B 135 15.91 -10.40 22.42
CA ARG B 135 16.01 -8.96 22.65
C ARG B 135 16.60 -8.38 23.97
N TYR B 136 16.74 -9.17 25.04
CA TYR B 136 17.12 -8.55 26.33
C TYR B 136 18.54 -8.79 26.92
N TRP B 137 18.95 -10.03 27.06
CA TRP B 137 20.30 -10.38 27.50
C TRP B 137 20.67 -9.84 28.88
N GLY B 138 21.98 -9.82 29.17
CA GLY B 138 22.48 -9.30 30.42
C GLY B 138 22.15 -10.17 31.63
N GLN B 139 23.12 -10.37 32.51
CA GLN B 139 24.47 -9.84 32.33
C GLN B 139 25.46 -11.00 32.18
N GLY B 140 25.10 -12.16 32.70
CA GLY B 140 25.88 -13.37 32.52
C GLY B 140 26.32 -14.05 33.80
N THR B 141 26.03 -15.35 33.91
CA THR B 141 26.51 -16.12 35.06
C THR B 141 27.45 -17.23 34.59
N PRO B 142 28.67 -17.26 35.15
CA PRO B 142 29.74 -18.12 34.64
C PRO B 142 29.72 -19.53 35.21
N VAL B 143 29.95 -20.54 34.37
CA VAL B 143 30.13 -21.89 34.86
C VAL B 143 31.48 -22.43 34.39
N THR B 144 32.12 -23.23 35.23
CA THR B 144 33.41 -23.82 34.90
C THR B 144 33.41 -25.31 35.22
N VAL B 145 33.82 -26.12 34.25
CA VAL B 145 33.89 -27.56 34.44
C VAL B 145 35.30 -28.05 34.16
N SER B 146 36.04 -28.40 35.21
CA SER B 146 37.41 -28.86 35.06
C SER B 146 37.86 -29.71 36.24
N SER B 147 39.08 -30.26 36.12
CA SER B 147 39.66 -31.11 37.16
C SER B 147 39.75 -30.37 38.50
#